data_4Q60
#
_entry.id   4Q60
#
_cell.length_a   82.749
_cell.length_b   95.053
_cell.length_c   126.275
_cell.angle_alpha   90.00
_cell.angle_beta   90.00
_cell.angle_gamma   90.00
#
_symmetry.space_group_name_H-M   'P 21 21 21'
#
loop_
_entity.id
_entity.type
_entity.pdbx_description
1 polymer 'PROLINE RACEMASE'
2 non-polymer GLYCEROL
3 non-polymer PYRROLE-2-CARBOXYLATE
4 water water
#
_entity_poly.entity_id   1
_entity_poly.type   'polypeptide(L)'
_entity_poly.pdbx_seq_one_letter_code
;MHHHHHHSSGVDLGTENLYFQSMKRIQIIDSHTGGEPTRLVVSGFPSLGSGTMAERRDVLAREYDRYRTACILEPRGSDV
LVGALLCEPVSPDAAAGVIFFNNSGYLGMCGHGTIGVVRTLHHMGRIGPGVHRIETPVGTVEATLHDDLSVSVRNVLAYR
HAKDVALDVPGYGPVRGDIAWGGNWFFLISDHGQRVAGDNVAALTAYASAVREGLERAGITGANGGEIDHIELFADDPEH
DSRSFVLCPGLAYDRSPCGTGTSAKLACLAADGKLAPGAVWRQASVIGSVFHASYVQAEGGIVPTIRGSAHLSAEATLLI
EDDDPFRWGIVS
;
_entity_poly.pdbx_strand_id   A,B
#
loop_
_chem_comp.id
_chem_comp.type
_chem_comp.name
_chem_comp.formula
GOL non-polymer GLYCEROL 'C3 H8 O3'
PYC non-polymer PYRROLE-2-CARBOXYLATE 'C5 H4 N O2 -1'
#
# COMPACT_ATOMS: atom_id res chain seq x y z
N LEU A 18 18.18 -3.08 -25.65
CA LEU A 18 19.34 -3.24 -24.72
C LEU A 18 18.95 -2.82 -23.30
N TYR A 19 18.67 -1.54 -23.12
CA TYR A 19 18.10 -1.04 -21.87
C TYR A 19 16.68 -1.63 -21.71
N PHE A 20 15.86 -1.51 -22.75
CA PHE A 20 14.55 -2.17 -22.79
C PHE A 20 14.61 -3.62 -22.27
N GLN A 21 15.60 -4.39 -22.72
CA GLN A 21 15.71 -5.80 -22.36
C GLN A 21 16.27 -6.02 -20.95
N SER A 22 16.64 -4.94 -20.27
CA SER A 22 17.17 -5.03 -18.91
C SER A 22 16.09 -5.19 -17.84
N MET A 23 14.81 -5.27 -18.25
CA MET A 23 13.68 -5.41 -17.32
C MET A 23 12.49 -6.15 -17.90
N LYS A 24 11.84 -6.96 -17.05
CA LYS A 24 10.62 -7.68 -17.42
C LYS A 24 9.40 -6.79 -17.26
N ARG A 25 8.37 -7.11 -18.02
CA ARG A 25 7.15 -6.33 -18.08
C ARG A 25 5.98 -7.25 -17.76
N ILE A 26 5.08 -6.79 -16.89
CA ILE A 26 3.86 -7.52 -16.57
C ILE A 26 2.72 -6.52 -16.68
N GLN A 27 1.77 -6.81 -17.56
CA GLN A 27 0.66 -5.91 -17.81
CA GLN A 27 0.66 -5.91 -17.81
C GLN A 27 -0.48 -6.25 -16.87
N ILE A 28 -1.00 -5.23 -16.22
CA ILE A 28 -2.03 -5.40 -15.21
C ILE A 28 -3.13 -4.35 -15.33
N ILE A 29 -4.30 -4.69 -14.78
CA ILE A 29 -5.36 -3.73 -14.60
C ILE A 29 -5.89 -3.85 -13.17
N ASP A 30 -5.86 -2.74 -12.45
CA ASP A 30 -6.29 -2.64 -11.07
C ASP A 30 -7.72 -2.08 -11.01
N SER A 31 -8.52 -2.67 -10.12
CA SER A 31 -9.85 -2.19 -9.81
C SER A 31 -10.05 -2.25 -8.30
N HIS A 32 -11.18 -1.74 -7.83
CA HIS A 32 -11.53 -1.94 -6.44
C HIS A 32 -13.03 -2.16 -6.31
N THR A 33 -13.41 -3.01 -5.38
CA THR A 33 -14.80 -3.29 -5.09
C THR A 33 -15.07 -2.84 -3.68
N GLY A 34 -15.80 -1.75 -3.54
CA GLY A 34 -16.04 -1.14 -2.25
C GLY A 34 -14.71 -0.85 -1.55
N GLY A 35 -13.74 -0.36 -2.29
CA GLY A 35 -12.46 0.03 -1.75
C GLY A 35 -11.44 -1.08 -1.50
N GLU A 36 -11.79 -2.33 -1.73
CA GLU A 36 -10.84 -3.43 -1.67
C GLU A 36 -10.24 -3.66 -3.07
N PRO A 37 -8.92 -3.59 -3.18
CA PRO A 37 -8.26 -3.66 -4.49
C PRO A 37 -8.06 -5.07 -5.08
N THR A 38 -8.20 -5.18 -6.40
CA THR A 38 -7.96 -6.40 -7.13
C THR A 38 -7.06 -6.06 -8.31
N ARG A 39 -6.06 -6.90 -8.54
CA ARG A 39 -5.11 -6.69 -9.63
C ARG A 39 -5.23 -7.84 -10.59
N LEU A 40 -5.74 -7.58 -11.79
CA LEU A 40 -5.79 -8.58 -12.83
C LEU A 40 -4.52 -8.55 -13.67
N VAL A 41 -3.77 -9.65 -13.69
CA VAL A 41 -2.60 -9.77 -14.54
C VAL A 41 -3.06 -10.26 -15.91
N VAL A 42 -2.92 -9.37 -16.88
CA VAL A 42 -3.37 -9.61 -18.24
C VAL A 42 -2.32 -10.35 -19.07
N SER A 43 -1.04 -10.03 -18.87
CA SER A 43 0.07 -10.73 -19.56
C SER A 43 1.39 -10.57 -18.84
N GLY A 44 2.35 -11.44 -19.16
CA GLY A 44 3.71 -11.30 -18.64
C GLY A 44 4.16 -12.37 -17.69
N PHE A 45 3.26 -13.26 -17.25
CA PHE A 45 3.71 -14.42 -16.47
C PHE A 45 4.16 -15.48 -17.46
N PRO A 46 4.99 -16.43 -17.01
CA PRO A 46 5.38 -17.53 -17.89
C PRO A 46 4.21 -18.47 -18.14
N SER A 47 4.32 -19.28 -19.19
N SER A 47 4.28 -19.26 -19.21
CA SER A 47 3.32 -20.27 -19.52
CA SER A 47 3.22 -20.19 -19.51
C SER A 47 3.20 -21.28 -18.40
C SER A 47 3.19 -21.27 -18.44
N LEU A 48 1.98 -21.69 -18.08
CA LEU A 48 1.77 -22.64 -17.01
C LEU A 48 1.18 -23.92 -17.58
N GLY A 49 1.27 -24.09 -18.90
CA GLY A 49 0.69 -25.26 -19.57
C GLY A 49 -0.77 -25.03 -19.88
N SER A 50 -1.52 -26.11 -20.12
CA SER A 50 -2.92 -25.99 -20.55
C SER A 50 -3.86 -26.90 -19.80
N GLY A 51 -3.47 -27.33 -18.61
CA GLY A 51 -4.38 -28.07 -17.72
C GLY A 51 -5.43 -27.18 -17.08
N THR A 52 -6.07 -27.70 -16.03
CA THR A 52 -7.07 -26.93 -15.31
C THR A 52 -6.39 -25.78 -14.59
N MET A 53 -7.16 -24.80 -14.16
CA MET A 53 -6.63 -23.71 -13.37
C MET A 53 -5.88 -24.24 -12.16
N ALA A 54 -6.40 -25.29 -11.52
CA ALA A 54 -5.72 -25.93 -10.38
C ALA A 54 -4.32 -26.41 -10.73
N GLU A 55 -4.19 -27.00 -11.91
CA GLU A 55 -2.91 -27.54 -12.35
C GLU A 55 -1.95 -26.43 -12.73
N ARG A 56 -2.49 -25.36 -13.29
CA ARG A 56 -1.67 -24.24 -13.67
C ARG A 56 -1.19 -23.50 -12.42
N ARG A 57 -2.06 -23.39 -11.44
CA ARG A 57 -1.71 -22.85 -10.15
C ARG A 57 -0.58 -23.64 -9.48
N ASP A 58 -0.60 -24.97 -9.61
CA ASP A 58 0.47 -25.81 -9.06
C ASP A 58 1.81 -25.52 -9.71
N VAL A 59 1.79 -25.23 -11.01
CA VAL A 59 3.00 -24.91 -11.73
C VAL A 59 3.53 -23.56 -11.30
N LEU A 60 2.64 -22.58 -11.24
CA LEU A 60 2.97 -21.23 -10.82
C LEU A 60 3.58 -21.24 -9.42
N ALA A 61 2.95 -21.97 -8.53
CA ALA A 61 3.37 -22.02 -7.13
C ALA A 61 4.74 -22.67 -6.98
N ARG A 62 5.02 -23.68 -7.80
CA ARG A 62 6.27 -24.41 -7.72
C ARG A 62 7.41 -23.80 -8.54
N GLU A 63 7.12 -23.40 -9.78
CA GLU A 63 8.16 -22.93 -10.71
C GLU A 63 8.35 -21.42 -10.69
N TYR A 64 7.31 -20.66 -10.41
CA TYR A 64 7.34 -19.24 -10.74
C TYR A 64 6.73 -18.37 -9.65
N ASP A 65 6.95 -18.76 -8.41
CA ASP A 65 6.29 -18.06 -7.33
C ASP A 65 6.79 -16.61 -7.22
N ARG A 66 7.99 -16.34 -7.74
CA ARG A 66 8.53 -14.99 -7.73
C ARG A 66 7.63 -14.00 -8.47
N TYR A 67 6.87 -14.48 -9.45
CA TYR A 67 5.94 -13.62 -10.18
C TYR A 67 4.75 -13.15 -9.33
N ARG A 68 4.26 -14.02 -8.46
CA ARG A 68 3.27 -13.62 -7.48
C ARG A 68 3.81 -12.53 -6.55
N THR A 69 5.02 -12.73 -6.02
CA THR A 69 5.55 -11.78 -5.03
C THR A 69 5.85 -10.43 -5.68
N ALA A 70 6.28 -10.47 -6.94
CA ALA A 70 6.54 -9.25 -7.70
C ALA A 70 5.28 -8.40 -7.80
N CYS A 71 4.16 -9.05 -8.03
CA CYS A 71 2.89 -8.37 -8.25
C CYS A 71 2.16 -7.96 -7.00
N ILE A 72 2.32 -8.69 -5.91
CA ILE A 72 1.55 -8.47 -4.69
C ILE A 72 2.31 -7.70 -3.63
N LEU A 73 3.58 -8.03 -3.44
CA LEU A 73 4.33 -7.40 -2.38
C LEU A 73 4.72 -5.98 -2.77
N GLU A 74 5.00 -5.19 -1.76
CA GLU A 74 5.64 -3.90 -1.96
C GLU A 74 6.96 -4.17 -2.68
N PRO A 75 7.46 -3.19 -3.44
CA PRO A 75 6.88 -1.85 -3.61
C PRO A 75 5.79 -1.77 -4.66
N ARG A 76 5.56 -2.85 -5.40
CA ARG A 76 4.61 -2.77 -6.52
C ARG A 76 3.18 -2.97 -6.09
N GLY A 77 2.94 -3.72 -5.00
CA GLY A 77 1.59 -3.97 -4.50
C GLY A 77 1.49 -3.63 -3.03
N SER A 78 0.58 -4.32 -2.33
CA SER A 78 0.42 -4.15 -0.90
C SER A 78 -0.19 -5.41 -0.29
N ASP A 79 -0.15 -5.50 1.02
CA ASP A 79 -0.60 -6.70 1.71
C ASP A 79 -2.11 -6.92 1.65
N VAL A 80 -2.86 -5.85 1.43
CA VAL A 80 -4.30 -5.98 1.25
C VAL A 80 -4.71 -6.34 -0.18
N LEU A 81 -3.75 -6.43 -1.11
CA LEU A 81 -4.08 -6.63 -2.52
C LEU A 81 -4.36 -8.08 -2.86
N VAL A 82 -5.42 -8.30 -3.63
CA VAL A 82 -5.71 -9.61 -4.20
C VAL A 82 -5.34 -9.57 -5.67
N GLY A 83 -4.60 -10.58 -6.11
CA GLY A 83 -4.23 -10.71 -7.51
C GLY A 83 -4.99 -11.84 -8.17
N ALA A 84 -5.18 -11.68 -9.46
CA ALA A 84 -5.77 -12.71 -10.29
C ALA A 84 -4.99 -12.80 -11.61
N LEU A 85 -4.50 -13.98 -11.92
CA LEU A 85 -3.83 -14.19 -13.20
C LEU A 85 -4.87 -14.61 -14.21
N LEU A 86 -4.96 -13.87 -15.31
CA LEU A 86 -5.85 -14.22 -16.41
C LEU A 86 -5.28 -15.39 -17.20
N CYS A 87 -6.09 -16.40 -17.43
CA CYS A 87 -5.70 -17.57 -18.22
C CYS A 87 -6.76 -17.86 -19.29
N GLU A 88 -6.34 -18.41 -20.41
CA GLU A 88 -7.26 -19.00 -21.38
C GLU A 88 -7.86 -20.21 -20.71
N PRO A 89 -9.19 -20.29 -20.69
CA PRO A 89 -9.86 -21.39 -20.01
C PRO A 89 -9.73 -22.69 -20.80
N VAL A 90 -10.01 -23.80 -20.14
CA VAL A 90 -10.05 -25.11 -20.78
C VAL A 90 -11.30 -25.21 -21.69
N SER A 91 -12.48 -24.91 -21.17
CA SER A 91 -13.68 -24.93 -21.99
C SER A 91 -13.85 -23.62 -22.75
N PRO A 92 -14.15 -23.70 -24.06
CA PRO A 92 -14.29 -22.49 -24.86
C PRO A 92 -15.53 -21.65 -24.51
N ASP A 93 -16.49 -22.22 -23.79
CA ASP A 93 -17.67 -21.47 -23.40
C ASP A 93 -17.49 -20.67 -22.10
N ALA A 94 -16.31 -20.73 -21.50
CA ALA A 94 -16.00 -19.87 -20.35
C ALA A 94 -15.42 -18.59 -20.87
N ALA A 95 -15.71 -17.48 -20.20
CA ALA A 95 -15.18 -16.18 -20.59
C ALA A 95 -13.70 -16.03 -20.21
N ALA A 96 -13.28 -16.72 -19.17
CA ALA A 96 -11.89 -16.68 -18.75
C ALA A 96 -11.64 -17.76 -17.73
N GLY A 97 -10.36 -17.92 -17.44
CA GLY A 97 -9.88 -18.69 -16.31
C GLY A 97 -9.08 -17.73 -15.48
N VAL A 98 -9.10 -17.89 -14.16
CA VAL A 98 -8.29 -17.06 -13.30
C VAL A 98 -7.67 -17.89 -12.19
N ILE A 99 -6.56 -17.39 -11.68
CA ILE A 99 -5.94 -17.93 -10.47
C ILE A 99 -5.73 -16.78 -9.49
N PHE A 100 -6.30 -16.91 -8.30
CA PHE A 100 -6.25 -15.84 -7.31
C PHE A 100 -5.08 -16.08 -6.38
N PHE A 101 -4.45 -14.99 -5.94
CA PHE A 101 -3.34 -15.11 -5.01
C PHE A 101 -3.27 -13.89 -4.11
N ASN A 102 -2.47 -13.97 -3.06
CA ASN A 102 -2.28 -12.84 -2.20
C ASN A 102 -0.89 -12.87 -1.63
N ASN A 103 -0.63 -12.04 -0.62
CA ASN A 103 0.70 -11.96 -0.02
C ASN A 103 1.20 -13.24 0.65
N SER A 104 0.29 -14.11 1.09
CA SER A 104 0.69 -15.37 1.74
C SER A 104 0.81 -16.52 0.75
N GLY A 105 -0.08 -16.58 -0.24
CA GLY A 105 -0.03 -17.67 -1.19
C GLY A 105 -1.18 -17.66 -2.17
N TYR A 106 -1.70 -18.84 -2.45
CA TYR A 106 -2.68 -19.00 -3.49
C TYR A 106 -4.04 -19.26 -2.89
N LEU A 107 -5.05 -18.65 -3.50
CA LEU A 107 -6.41 -18.71 -2.99
C LEU A 107 -7.22 -19.66 -3.86
N GLY A 108 -8.48 -19.84 -3.51
CA GLY A 108 -9.39 -20.60 -4.34
C GLY A 108 -10.30 -19.63 -5.04
N MET A 109 -11.39 -19.27 -4.38
CA MET A 109 -12.33 -18.34 -4.95
C MET A 109 -12.29 -17.06 -4.14
N CYS A 110 -12.57 -15.96 -4.80
CA CYS A 110 -12.64 -14.66 -4.13
C CYS A 110 -13.81 -13.91 -4.72
N GLY A 111 -14.75 -13.54 -3.85
CA GLY A 111 -16.02 -12.98 -4.30
C GLY A 111 -15.88 -11.58 -4.83
N HIS A 112 -15.35 -10.69 -4.01
CA HIS A 112 -15.18 -9.31 -4.42
C HIS A 112 -14.16 -9.24 -5.57
N GLY A 113 -13.16 -10.12 -5.54
CA GLY A 113 -12.18 -10.19 -6.62
C GLY A 113 -12.80 -10.51 -7.96
N THR A 114 -13.78 -11.40 -7.95
CA THR A 114 -14.44 -11.82 -9.18
C THR A 114 -15.30 -10.72 -9.76
N ILE A 115 -15.90 -9.91 -8.89
CA ILE A 115 -16.60 -8.72 -9.33
C ILE A 115 -15.60 -7.85 -10.08
N GLY A 116 -14.43 -7.64 -9.51
CA GLY A 116 -13.35 -6.87 -10.19
C GLY A 116 -12.93 -7.44 -11.51
N VAL A 117 -12.74 -8.76 -11.53
CA VAL A 117 -12.30 -9.44 -12.74
C VAL A 117 -13.31 -9.27 -13.87
N VAL A 118 -14.58 -9.46 -13.54
CA VAL A 118 -15.62 -9.40 -14.56
C VAL A 118 -15.77 -8.00 -15.11
N ARG A 119 -15.76 -7.01 -14.22
CA ARG A 119 -15.78 -5.62 -14.64
C ARG A 119 -14.57 -5.33 -15.54
N THR A 120 -13.41 -5.86 -15.17
CA THR A 120 -12.20 -5.59 -15.93
C THR A 120 -12.27 -6.20 -17.32
N LEU A 121 -12.81 -7.41 -17.42
CA LEU A 121 -12.97 -8.08 -18.70
C LEU A 121 -13.87 -7.26 -19.62
N HIS A 122 -14.86 -6.62 -19.04
CA HIS A 122 -15.68 -5.71 -19.82
C HIS A 122 -14.88 -4.50 -20.28
N HIS A 123 -14.10 -3.94 -19.37
CA HIS A 123 -13.23 -2.83 -19.70
C HIS A 123 -12.29 -3.17 -20.85
N MET A 124 -11.79 -4.41 -20.87
CA MET A 124 -10.86 -4.85 -21.91
C MET A 124 -11.57 -5.12 -23.22
N GLY A 125 -12.91 -5.13 -23.21
CA GLY A 125 -13.67 -5.34 -24.44
C GLY A 125 -13.89 -6.80 -24.75
N ARG A 126 -13.69 -7.69 -23.77
CA ARG A 126 -13.79 -9.13 -23.98
CA ARG A 126 -13.81 -9.12 -24.04
C ARG A 126 -15.21 -9.66 -23.82
N ILE A 127 -16.03 -8.98 -23.02
CA ILE A 127 -17.40 -9.47 -22.75
C ILE A 127 -18.37 -8.33 -22.69
N GLY A 128 -19.63 -8.62 -22.98
CA GLY A 128 -20.74 -7.67 -22.80
C GLY A 128 -21.64 -8.13 -21.67
N PRO A 129 -22.66 -7.32 -21.31
CA PRO A 129 -23.58 -7.71 -20.24
C PRO A 129 -24.21 -9.09 -20.48
N GLY A 130 -24.36 -9.88 -19.43
CA GLY A 130 -24.98 -11.19 -19.53
C GLY A 130 -24.36 -12.15 -18.55
N VAL A 131 -24.65 -13.43 -18.72
CA VAL A 131 -24.14 -14.46 -17.82
C VAL A 131 -22.79 -14.95 -18.35
N HIS A 132 -21.81 -15.12 -17.46
CA HIS A 132 -20.49 -15.60 -17.86
C HIS A 132 -19.98 -16.60 -16.85
N ARG A 133 -19.16 -17.53 -17.33
CA ARG A 133 -18.55 -18.52 -16.49
C ARG A 133 -17.05 -18.27 -16.43
N ILE A 134 -16.49 -18.35 -15.23
CA ILE A 134 -15.07 -18.11 -15.02
C ILE A 134 -14.48 -19.33 -14.35
N GLU A 135 -13.47 -19.93 -14.98
CA GLU A 135 -12.80 -21.09 -14.42
C GLU A 135 -11.86 -20.68 -13.29
N THR A 136 -11.84 -21.48 -12.22
CA THR A 136 -10.94 -21.26 -11.09
C THR A 136 -10.36 -22.56 -10.60
N PRO A 137 -9.34 -22.50 -9.73
CA PRO A 137 -8.79 -23.74 -9.18
C PRO A 137 -9.78 -24.52 -8.32
N VAL A 138 -10.84 -23.88 -7.84
CA VAL A 138 -11.83 -24.60 -7.06
C VAL A 138 -13.15 -24.81 -7.82
N GLY A 139 -13.12 -24.74 -9.15
CA GLY A 139 -14.35 -24.89 -9.95
C GLY A 139 -14.82 -23.66 -10.70
N THR A 140 -15.83 -23.85 -11.54
CA THR A 140 -16.27 -22.80 -12.42
C THR A 140 -17.29 -21.89 -11.75
N VAL A 141 -17.01 -20.60 -11.81
CA VAL A 141 -17.80 -19.62 -11.10
C VAL A 141 -18.75 -19.03 -12.09
N GLU A 142 -19.99 -18.85 -11.66
CA GLU A 142 -21.00 -18.21 -12.46
C GLU A 142 -21.17 -16.75 -12.04
N ALA A 143 -21.26 -15.86 -13.02
CA ALA A 143 -21.44 -14.44 -12.73
C ALA A 143 -22.33 -13.80 -13.77
N THR A 144 -23.05 -12.76 -13.33
CA THR A 144 -23.86 -11.95 -14.22
C THR A 144 -23.33 -10.54 -14.21
N LEU A 145 -22.96 -10.06 -15.40
CA LEU A 145 -22.60 -8.66 -15.63
C LEU A 145 -23.88 -7.91 -16.00
N HIS A 146 -24.28 -6.99 -15.16
CA HIS A 146 -25.49 -6.22 -15.42
C HIS A 146 -25.20 -5.04 -16.33
N ASP A 147 -26.25 -4.41 -16.85
CA ASP A 147 -26.08 -3.29 -17.77
C ASP A 147 -25.37 -2.08 -17.16
N ASP A 148 -25.57 -1.85 -15.85
CA ASP A 148 -24.86 -0.79 -15.12
C ASP A 148 -23.40 -1.20 -14.78
N LEU A 149 -22.98 -2.38 -15.23
CA LEU A 149 -21.64 -2.91 -15.06
C LEU A 149 -21.32 -3.41 -13.65
N SER A 150 -22.30 -3.43 -12.76
CA SER A 150 -22.18 -4.20 -11.52
C SER A 150 -22.23 -5.69 -11.89
N VAL A 151 -21.85 -6.53 -10.95
CA VAL A 151 -21.73 -7.96 -11.18
C VAL A 151 -22.34 -8.76 -10.04
N SER A 152 -23.17 -9.73 -10.39
CA SER A 152 -23.64 -10.70 -9.42
C SER A 152 -22.78 -11.96 -9.51
N VAL A 153 -22.17 -12.35 -8.40
CA VAL A 153 -21.27 -13.50 -8.36
CA VAL A 153 -21.29 -13.51 -8.39
C VAL A 153 -21.83 -14.56 -7.45
N ARG A 154 -21.85 -15.79 -7.94
CA ARG A 154 -22.24 -16.92 -7.14
C ARG A 154 -21.02 -17.36 -6.39
N ASN A 155 -21.06 -17.26 -5.06
CA ASN A 155 -19.91 -17.59 -4.22
C ASN A 155 -19.93 -19.04 -3.74
N VAL A 156 -18.91 -19.38 -2.96
CA VAL A 156 -18.76 -20.71 -2.40
C VAL A 156 -19.76 -20.95 -1.29
N LEU A 157 -19.88 -22.21 -0.91
CA LEU A 157 -20.76 -22.63 0.16
C LEU A 157 -20.45 -21.88 1.45
N ALA A 158 -21.49 -21.31 2.06
CA ALA A 158 -21.34 -20.61 3.32
C ALA A 158 -22.21 -21.32 4.37
N TYR A 159 -21.84 -21.18 5.64
CA TYR A 159 -22.61 -21.81 6.72
C TYR A 159 -22.25 -21.19 8.08
N ARG A 160 -23.15 -21.35 9.04
CA ARG A 160 -22.90 -20.91 10.39
C ARG A 160 -22.38 -22.09 11.16
N HIS A 161 -21.28 -21.87 11.85
CA HIS A 161 -20.65 -22.89 12.67
C HIS A 161 -21.23 -22.88 14.09
N ALA A 162 -21.50 -21.70 14.64
CA ALA A 162 -22.04 -21.60 15.99
C ALA A 162 -22.84 -20.32 16.20
N LYS A 163 -23.86 -20.42 17.05
CA LYS A 163 -24.81 -19.34 17.28
C LYS A 163 -24.67 -18.77 18.69
N ASP A 164 -24.76 -17.45 18.84
CA ASP A 164 -24.75 -16.80 20.16
C ASP A 164 -23.60 -17.23 21.04
N VAL A 165 -22.41 -17.20 20.47
CA VAL A 165 -21.22 -17.51 21.23
C VAL A 165 -20.88 -16.29 22.06
N ALA A 166 -20.65 -16.49 23.35
CA ALA A 166 -20.50 -15.38 24.30
C ALA A 166 -19.07 -15.24 24.74
N LEU A 167 -18.64 -13.99 24.87
CA LEU A 167 -17.36 -13.67 25.46
C LEU A 167 -17.36 -12.29 26.10
N ASP A 168 -16.36 -12.03 26.93
CA ASP A 168 -16.11 -10.71 27.46
C ASP A 168 -15.10 -9.98 26.59
N VAL A 169 -15.46 -8.81 26.10
CA VAL A 169 -14.57 -8.03 25.28
C VAL A 169 -13.77 -7.12 26.21
N PRO A 170 -12.45 -7.33 26.29
CA PRO A 170 -11.63 -6.52 27.19
C PRO A 170 -11.89 -5.03 26.99
N GLY A 171 -12.18 -4.32 28.06
CA GLY A 171 -12.43 -2.89 28.03
C GLY A 171 -13.86 -2.48 27.71
N TYR A 172 -14.70 -3.42 27.31
CA TYR A 172 -16.06 -3.08 26.87
C TYR A 172 -17.14 -3.89 27.56
N GLY A 173 -16.94 -5.19 27.67
CA GLY A 173 -17.89 -6.04 28.36
C GLY A 173 -18.40 -7.16 27.49
N PRO A 174 -19.30 -7.97 28.05
CA PRO A 174 -19.75 -9.17 27.36
C PRO A 174 -20.55 -8.88 26.10
N VAL A 175 -20.45 -9.79 25.15
CA VAL A 175 -21.22 -9.73 23.92
C VAL A 175 -21.40 -11.16 23.41
N ARG A 176 -22.39 -11.34 22.55
CA ARG A 176 -22.60 -12.59 21.84
C ARG A 176 -22.49 -12.33 20.34
N GLY A 177 -22.05 -13.35 19.62
CA GLY A 177 -21.96 -13.26 18.16
C GLY A 177 -22.04 -14.64 17.54
N ASP A 178 -22.23 -14.67 16.23
CA ASP A 178 -22.25 -15.93 15.49
C ASP A 178 -20.88 -16.16 14.87
N ILE A 179 -20.45 -17.42 14.85
CA ILE A 179 -19.27 -17.84 14.10
C ILE A 179 -19.74 -18.44 12.77
N ALA A 180 -19.36 -17.80 11.69
CA ALA A 180 -19.74 -18.22 10.35
C ALA A 180 -18.63 -18.17 9.28
N TRP A 181 -18.72 -19.11 8.36
CA TRP A 181 -17.83 -19.25 7.21
C TRP A 181 -18.51 -18.72 5.92
N GLY A 182 -17.89 -17.75 5.31
CA GLY A 182 -18.29 -17.27 4.01
C GLY A 182 -17.08 -16.97 3.18
N GLY A 183 -16.27 -18.01 2.95
CA GLY A 183 -14.96 -17.91 2.32
C GLY A 183 -13.85 -17.41 3.27
N ASN A 184 -14.25 -17.05 4.47
CA ASN A 184 -13.37 -16.60 5.53
C ASN A 184 -14.17 -16.86 6.82
N TRP A 185 -13.46 -17.01 7.94
CA TRP A 185 -14.14 -17.15 9.22
C TRP A 185 -14.47 -15.77 9.77
N PHE A 186 -15.74 -15.58 10.10
CA PHE A 186 -16.26 -14.33 10.65
C PHE A 186 -16.86 -14.55 12.05
N PHE A 187 -16.69 -13.54 12.91
CA PHE A 187 -17.49 -13.39 14.12
C PHE A 187 -18.43 -12.21 13.87
N LEU A 188 -19.73 -12.48 13.91
CA LEU A 188 -20.76 -11.48 13.56
C LEU A 188 -21.56 -11.00 14.76
N ILE A 189 -21.59 -9.69 14.98
CA ILE A 189 -22.18 -9.11 16.18
C ILE A 189 -23.17 -8.02 15.79
N SER A 190 -24.36 -8.05 16.39
CA SER A 190 -25.32 -6.95 16.29
C SER A 190 -25.39 -6.11 17.57
N ASP A 191 -25.28 -6.77 18.72
CA ASP A 191 -25.50 -6.10 20.01
C ASP A 191 -24.19 -5.71 20.65
N HIS A 192 -23.50 -4.77 19.99
CA HIS A 192 -22.15 -4.34 20.36
C HIS A 192 -22.11 -2.96 21.00
N GLY A 193 -23.24 -2.24 21.02
CA GLY A 193 -23.31 -0.91 21.65
C GLY A 193 -22.55 0.21 20.94
N GLN A 194 -22.05 -0.07 19.74
CA GLN A 194 -21.26 0.88 18.97
C GLN A 194 -22.09 1.56 17.91
N ARG A 195 -21.63 2.73 17.47
CA ARG A 195 -22.31 3.48 16.43
C ARG A 195 -21.66 3.13 15.10
N VAL A 196 -22.40 2.40 14.27
CA VAL A 196 -21.87 1.96 12.99
C VAL A 196 -22.13 3.03 11.93
N ALA A 197 -21.14 3.89 11.72
CA ALA A 197 -21.24 4.97 10.76
C ALA A 197 -19.85 5.29 10.24
N GLY A 198 -19.79 5.83 9.04
CA GLY A 198 -18.51 6.11 8.39
C GLY A 198 -17.63 7.12 9.13
N ASP A 199 -18.26 8.00 9.90
CA ASP A 199 -17.52 8.97 10.72
C ASP A 199 -17.10 8.41 12.08
N ASN A 200 -17.09 7.08 12.26
CA ASN A 200 -16.78 6.49 13.56
C ASN A 200 -15.85 5.30 13.48
N VAL A 201 -15.07 5.22 12.40
CA VAL A 201 -14.25 4.05 12.10
C VAL A 201 -13.17 3.75 13.13
N ALA A 202 -12.67 4.77 13.82
CA ALA A 202 -11.61 4.59 14.80
C ALA A 202 -12.15 3.85 16.03
N ALA A 203 -13.24 4.36 16.60
CA ALA A 203 -13.89 3.68 17.72
C ALA A 203 -14.31 2.25 17.36
N LEU A 204 -14.76 2.04 16.12
CA LEU A 204 -15.25 0.72 15.69
C LEU A 204 -14.12 -0.26 15.55
N THR A 205 -13.01 0.24 15.02
CA THR A 205 -11.81 -0.55 14.83
C THR A 205 -11.24 -1.00 16.16
N ALA A 206 -11.12 -0.06 17.09
CA ALA A 206 -10.74 -0.37 18.46
C ALA A 206 -11.66 -1.45 19.07
N TYR A 207 -12.97 -1.29 18.93
CA TYR A 207 -13.88 -2.29 19.50
C TYR A 207 -13.62 -3.66 18.90
N ALA A 208 -13.61 -3.74 17.57
CA ALA A 208 -13.49 -5.01 16.87
C ALA A 208 -12.15 -5.68 17.16
N SER A 209 -11.10 -4.89 17.31
CA SER A 209 -9.79 -5.44 17.65
C SER A 209 -9.83 -6.09 19.02
N ALA A 210 -10.41 -5.38 19.98
CA ALA A 210 -10.62 -5.94 21.32
C ALA A 210 -11.43 -7.25 21.25
N VAL A 211 -12.41 -7.32 20.35
CA VAL A 211 -13.18 -8.54 20.19
C VAL A 211 -12.29 -9.70 19.71
N ARG A 212 -11.47 -9.43 18.68
CA ARG A 212 -10.61 -10.47 18.12
C ARG A 212 -9.65 -10.99 19.18
N GLU A 213 -9.13 -10.09 20.00
CA GLU A 213 -8.27 -10.45 21.12
C GLU A 213 -9.00 -11.33 22.14
N GLY A 214 -10.25 -10.98 22.41
CA GLY A 214 -11.09 -11.77 23.31
C GLY A 214 -11.31 -13.19 22.79
N LEU A 215 -11.58 -13.31 21.49
CA LEU A 215 -11.72 -14.63 20.87
C LEU A 215 -10.44 -15.46 21.05
N GLU A 216 -9.30 -14.82 20.80
CA GLU A 216 -8.00 -15.46 20.96
C GLU A 216 -7.84 -15.97 22.38
N ARG A 217 -7.94 -15.06 23.35
CA ARG A 217 -7.78 -15.41 24.77
C ARG A 217 -8.66 -16.58 25.16
N ALA A 218 -9.90 -16.56 24.68
CA ALA A 218 -10.86 -17.60 25.04
C ALA A 218 -10.65 -18.88 24.23
N GLY A 219 -9.81 -18.80 23.20
CA GLY A 219 -9.58 -19.93 22.29
C GLY A 219 -10.80 -20.23 21.45
N ILE A 220 -11.54 -19.18 21.09
CA ILE A 220 -12.74 -19.36 20.30
C ILE A 220 -12.33 -19.38 18.84
N THR A 221 -12.74 -20.43 18.13
CA THR A 221 -12.35 -20.66 16.74
C THR A 221 -13.52 -21.10 15.87
N GLY A 222 -13.27 -21.15 14.58
CA GLY A 222 -14.19 -21.82 13.66
C GLY A 222 -14.00 -23.33 13.76
N ALA A 223 -14.72 -24.07 12.93
CA ALA A 223 -14.52 -25.51 12.82
C ALA A 223 -13.04 -25.85 12.52
N ASN A 224 -12.59 -26.98 13.04
CA ASN A 224 -11.21 -27.43 12.83
C ASN A 224 -10.18 -26.36 13.17
N GLY A 225 -10.41 -25.65 14.27
CA GLY A 225 -9.46 -24.66 14.76
C GLY A 225 -9.25 -23.47 13.84
N GLY A 226 -10.21 -23.17 12.97
CA GLY A 226 -10.05 -22.06 12.07
C GLY A 226 -9.95 -20.72 12.81
N GLU A 227 -8.95 -19.94 12.45
CA GLU A 227 -8.73 -18.65 13.06
C GLU A 227 -9.79 -17.68 12.58
N ILE A 228 -10.56 -17.13 13.52
CA ILE A 228 -11.56 -16.14 13.18
C ILE A 228 -10.85 -14.80 13.03
N ASP A 229 -10.60 -14.39 11.79
CA ASP A 229 -9.76 -13.20 11.58
C ASP A 229 -10.52 -12.01 11.01
N HIS A 230 -11.83 -12.17 10.85
CA HIS A 230 -12.71 -11.09 10.42
C HIS A 230 -13.78 -10.88 11.47
N ILE A 231 -14.00 -9.63 11.86
CA ILE A 231 -15.06 -9.27 12.77
C ILE A 231 -16.03 -8.36 12.03
N GLU A 232 -17.31 -8.67 12.07
CA GLU A 232 -18.30 -7.79 11.46
C GLU A 232 -19.34 -7.28 12.47
N LEU A 233 -19.50 -5.97 12.48
CA LEU A 233 -20.47 -5.30 13.34
C LEU A 233 -21.62 -4.82 12.47
N PHE A 234 -22.85 -5.16 12.86
CA PHE A 234 -24.06 -4.82 12.10
C PHE A 234 -24.95 -3.85 12.85
N ALA A 235 -25.73 -3.06 12.11
CA ALA A 235 -26.68 -2.14 12.71
C ALA A 235 -27.86 -1.91 11.82
N ASP A 236 -28.98 -1.48 12.40
CA ASP A 236 -30.13 -1.06 11.62
C ASP A 236 -29.72 0.06 10.67
N ASP A 237 -30.43 0.19 9.57
CA ASP A 237 -30.16 1.25 8.61
C ASP A 237 -31.49 1.70 8.03
N PRO A 238 -31.64 3.01 7.81
CA PRO A 238 -32.93 3.50 7.30
C PRO A 238 -33.20 3.14 5.84
N GLU A 239 -32.17 2.83 5.06
CA GLU A 239 -32.33 2.54 3.63
C GLU A 239 -32.07 1.08 3.24
N HIS A 240 -31.39 0.32 4.09
CA HIS A 240 -30.99 -1.03 3.76
C HIS A 240 -31.33 -1.94 4.90
N ASP A 241 -31.18 -3.24 4.68
CA ASP A 241 -31.49 -4.23 5.70
C ASP A 241 -30.44 -4.22 6.79
N SER A 242 -29.24 -3.74 6.48
CA SER A 242 -28.19 -3.64 7.47
C SER A 242 -27.13 -2.69 7.02
N ARG A 243 -26.47 -2.09 7.99
CA ARG A 243 -25.27 -1.28 7.78
C ARG A 243 -24.19 -2.03 8.55
N SER A 244 -23.06 -2.33 7.90
CA SER A 244 -22.00 -3.06 8.58
C SER A 244 -20.59 -2.45 8.48
N PHE A 245 -19.75 -2.87 9.40
CA PHE A 245 -18.34 -2.51 9.45
C PHE A 245 -17.62 -3.83 9.61
N VAL A 246 -16.63 -4.09 8.76
CA VAL A 246 -15.79 -5.28 8.90
C VAL A 246 -14.36 -4.89 9.29
N LEU A 247 -13.79 -5.62 10.25
CA LEU A 247 -12.35 -5.49 10.60
C LEU A 247 -11.62 -6.63 9.93
N CYS A 248 -10.60 -6.27 9.15
CA CYS A 248 -9.89 -7.19 8.28
C CYS A 248 -8.71 -7.75 9.02
N PRO A 249 -8.18 -8.90 8.57
CA PRO A 249 -7.01 -9.43 9.26
C PRO A 249 -5.86 -8.41 9.35
N GLY A 250 -5.07 -8.51 10.43
CA GLY A 250 -3.93 -7.61 10.68
C GLY A 250 -4.30 -6.24 11.21
N LEU A 251 -3.29 -5.37 11.34
CA LEU A 251 -3.49 -3.98 11.76
C LEU A 251 -2.46 -3.07 11.09
N ARG A 255 -1.41 -7.74 8.14
CA ARG A 255 -2.39 -7.22 7.18
C ARG A 255 -2.59 -8.19 6.01
N SER A 256 -3.85 -8.45 5.69
CA SER A 256 -4.20 -9.36 4.60
C SER A 256 -5.56 -8.92 4.01
N PRO A 257 -5.90 -9.43 2.80
CA PRO A 257 -7.15 -8.98 2.12
C PRO A 257 -8.45 -9.21 2.93
N CYS A 258 -9.41 -8.32 2.71
CA CYS A 258 -10.63 -8.22 3.51
C CYS A 258 -11.85 -8.62 2.68
N GLY A 259 -12.70 -9.48 3.23
CA GLY A 259 -14.03 -9.76 2.67
C GLY A 259 -15.05 -8.73 3.15
N THR A 260 -16.24 -8.74 2.55
CA THR A 260 -17.30 -7.79 2.95
C THR A 260 -18.28 -8.41 3.95
N GLY A 261 -18.21 -9.73 4.11
CA GLY A 261 -18.99 -10.45 5.13
C GLY A 261 -20.45 -10.74 4.81
N THR A 262 -20.86 -10.46 3.58
CA THR A 262 -22.23 -10.68 3.13
C THR A 262 -22.66 -12.14 3.16
N SER A 263 -21.83 -13.03 2.61
CA SER A 263 -22.12 -14.48 2.56
C SER A 263 -22.31 -15.08 3.95
N ALA A 264 -21.40 -14.73 4.85
CA ALA A 264 -21.44 -15.23 6.22
C ALA A 264 -22.75 -14.75 6.88
N LYS A 265 -23.12 -13.50 6.65
CA LYS A 265 -24.33 -12.94 7.23
C LYS A 265 -25.56 -13.70 6.72
N LEU A 266 -25.63 -13.92 5.42
CA LEU A 266 -26.68 -14.70 4.81
C LEU A 266 -26.82 -16.10 5.40
N ALA A 267 -25.70 -16.77 5.66
CA ALA A 267 -25.76 -18.11 6.25
C ALA A 267 -26.43 -18.09 7.63
N CYS A 268 -26.18 -17.03 8.40
CA CYS A 268 -26.81 -16.87 9.73
C CYS A 268 -28.32 -16.55 9.61
N LEU A 269 -28.67 -15.61 8.73
CA LEU A 269 -30.06 -15.29 8.46
C LEU A 269 -30.83 -16.53 7.99
N ALA A 270 -30.21 -17.32 7.12
CA ALA A 270 -30.84 -18.53 6.62
C ALA A 270 -31.03 -19.53 7.76
N ALA A 271 -29.99 -19.76 8.56
CA ALA A 271 -30.09 -20.71 9.66
C ALA A 271 -31.12 -20.30 10.70
N ASP A 272 -31.38 -19.01 10.84
CA ASP A 272 -32.35 -18.53 11.83
C ASP A 272 -33.76 -18.39 11.26
N GLY A 273 -33.97 -18.71 9.99
CA GLY A 273 -35.28 -18.53 9.39
C GLY A 273 -35.68 -17.08 9.25
N LYS A 274 -34.71 -16.19 9.10
CA LYS A 274 -35.03 -14.78 8.89
C LYS A 274 -35.09 -14.40 7.44
N LEU A 275 -34.52 -15.23 6.58
CA LEU A 275 -34.49 -14.93 5.15
C LEU A 275 -34.66 -16.21 4.39
N ALA A 276 -35.66 -16.26 3.52
CA ALA A 276 -35.92 -17.46 2.72
C ALA A 276 -34.97 -17.53 1.52
N PRO A 277 -34.76 -18.74 0.96
CA PRO A 277 -34.04 -18.87 -0.30
C PRO A 277 -34.69 -18.02 -1.38
N GLY A 278 -33.92 -17.21 -2.08
CA GLY A 278 -34.46 -16.37 -3.16
C GLY A 278 -34.80 -14.95 -2.74
N ALA A 279 -35.07 -14.74 -1.45
CA ALA A 279 -35.41 -13.40 -0.96
C ALA A 279 -34.20 -12.51 -1.04
N VAL A 280 -34.44 -11.25 -1.40
CA VAL A 280 -33.37 -10.31 -1.65
C VAL A 280 -33.00 -9.61 -0.35
N TRP A 281 -31.71 -9.59 -0.06
CA TRP A 281 -31.18 -8.93 1.10
C TRP A 281 -30.25 -7.81 0.62
N ARG A 282 -30.30 -6.67 1.29
CA ARG A 282 -29.48 -5.51 0.91
C ARG A 282 -28.69 -5.01 2.10
N GLN A 283 -27.38 -4.91 1.90
CA GLN A 283 -26.41 -4.51 2.94
C GLN A 283 -25.56 -3.34 2.41
N ALA A 284 -25.29 -2.37 3.28
CA ALA A 284 -24.37 -1.27 2.97
C ALA A 284 -23.22 -1.26 3.96
N SER A 285 -22.02 -0.90 3.51
CA SER A 285 -20.87 -0.77 4.41
C SER A 285 -20.85 0.64 4.96
N VAL A 286 -20.06 0.88 6.00
CA VAL A 286 -19.95 2.23 6.56
C VAL A 286 -19.34 3.26 5.60
N ILE A 287 -18.61 2.82 4.59
CA ILE A 287 -18.08 3.74 3.57
C ILE A 287 -18.99 3.90 2.36
N GLY A 288 -20.15 3.26 2.41
CA GLY A 288 -21.20 3.49 1.42
C GLY A 288 -21.37 2.43 0.32
N SER A 289 -20.52 1.42 0.30
CA SER A 289 -20.65 0.37 -0.71
C SER A 289 -21.89 -0.48 -0.44
N VAL A 290 -22.68 -0.74 -1.47
CA VAL A 290 -23.94 -1.46 -1.32
C VAL A 290 -23.88 -2.81 -1.99
N PHE A 291 -24.37 -3.84 -1.30
CA PHE A 291 -24.42 -5.22 -1.84
C PHE A 291 -25.85 -5.76 -1.77
N HIS A 292 -26.30 -6.37 -2.85
CA HIS A 292 -27.60 -7.08 -2.89
C HIS A 292 -27.32 -8.57 -3.03
N ALA A 293 -28.07 -9.39 -2.32
CA ALA A 293 -27.82 -10.82 -2.32
C ALA A 293 -29.06 -11.69 -2.17
N SER A 294 -28.94 -12.91 -2.64
CA SER A 294 -29.88 -13.98 -2.35
C SER A 294 -29.10 -15.26 -2.19
N TYR A 295 -29.73 -16.31 -1.70
CA TYR A 295 -29.09 -17.61 -1.62
C TYR A 295 -30.03 -18.73 -2.04
N VAL A 296 -29.44 -19.88 -2.32
CA VAL A 296 -30.16 -21.12 -2.56
C VAL A 296 -29.61 -22.12 -1.55
N GLN A 297 -30.45 -23.04 -1.08
CA GLN A 297 -30.02 -24.07 -0.14
C GLN A 297 -29.11 -25.04 -0.86
N ALA A 298 -28.14 -25.59 -0.13
CA ALA A 298 -27.30 -26.66 -0.62
C ALA A 298 -27.02 -27.60 0.54
N GLU A 299 -26.31 -28.70 0.28
CA GLU A 299 -26.01 -29.64 1.33
C GLU A 299 -24.95 -29.05 2.22
N GLY A 300 -25.29 -28.89 3.50
CA GLY A 300 -24.37 -28.34 4.48
C GLY A 300 -24.25 -26.83 4.47
N GLY A 301 -25.23 -26.14 3.90
CA GLY A 301 -25.19 -24.68 3.91
C GLY A 301 -25.94 -24.02 2.78
N ILE A 302 -25.49 -22.82 2.43
CA ILE A 302 -26.15 -22.07 1.38
C ILE A 302 -25.14 -21.69 0.33
N VAL A 303 -25.64 -21.52 -0.88
CA VAL A 303 -24.86 -20.92 -1.95
C VAL A 303 -25.42 -19.53 -2.20
N PRO A 304 -24.68 -18.49 -1.78
CA PRO A 304 -25.12 -17.11 -1.96
C PRO A 304 -24.67 -16.51 -3.29
N THR A 305 -25.47 -15.60 -3.81
CA THR A 305 -25.09 -14.84 -4.98
C THR A 305 -25.13 -13.39 -4.57
N ILE A 306 -24.01 -12.69 -4.79
CA ILE A 306 -23.86 -11.32 -4.29
C ILE A 306 -23.61 -10.36 -5.45
N ARG A 307 -24.40 -9.29 -5.51
CA ARG A 307 -24.23 -8.25 -6.51
C ARG A 307 -23.50 -7.08 -5.93
N GLY A 308 -22.45 -6.65 -6.60
CA GLY A 308 -21.71 -5.47 -6.20
C GLY A 308 -21.07 -4.76 -7.39
N SER A 309 -20.48 -3.61 -7.13
CA SER A 309 -19.86 -2.78 -8.17
C SER A 309 -18.34 -2.67 -7.98
N ALA A 310 -17.58 -2.84 -9.05
CA ALA A 310 -16.16 -2.57 -9.01
C ALA A 310 -15.90 -1.33 -9.86
N HIS A 311 -14.92 -0.54 -9.45
CA HIS A 311 -14.47 0.61 -10.25
CA HIS A 311 -14.47 0.59 -10.27
C HIS A 311 -13.00 0.45 -10.61
N LEU A 312 -12.63 1.00 -11.75
CA LEU A 312 -11.27 0.89 -12.27
C LEU A 312 -10.35 1.83 -11.53
N SER A 313 -9.12 1.40 -11.28
CA SER A 313 -8.19 2.33 -10.67
C SER A 313 -6.94 2.62 -11.50
N ALA A 314 -6.48 1.67 -12.30
CA ALA A 314 -5.30 1.87 -13.11
C ALA A 314 -5.09 0.80 -14.17
N GLU A 315 -4.46 1.21 -15.26
CA GLU A 315 -3.82 0.28 -16.20
C GLU A 315 -2.33 0.47 -16.00
N ALA A 316 -1.58 -0.62 -15.97
CA ALA A 316 -0.15 -0.50 -15.72
C ALA A 316 0.65 -1.61 -16.30
N THR A 317 1.93 -1.30 -16.48
CA THR A 317 2.96 -2.25 -16.77
C THR A 317 3.88 -2.23 -15.56
N LEU A 318 3.92 -3.33 -14.83
CA LEU A 318 4.92 -3.47 -13.76
C LEU A 318 6.29 -3.73 -14.42
N LEU A 319 7.33 -3.11 -13.85
CA LEU A 319 8.71 -3.22 -14.36
C LEU A 319 9.57 -3.95 -13.34
N ILE A 320 10.28 -4.95 -13.82
CA ILE A 320 11.10 -5.81 -12.97
C ILE A 320 12.51 -5.75 -13.53
N GLU A 321 13.32 -4.86 -12.98
CA GLU A 321 14.67 -4.65 -13.48
C GLU A 321 15.61 -5.70 -12.95
N ASP A 322 16.50 -6.15 -13.81
CA ASP A 322 17.46 -7.21 -13.48
C ASP A 322 18.27 -6.88 -12.24
N ASP A 323 18.75 -5.65 -12.13
CA ASP A 323 19.60 -5.31 -10.97
C ASP A 323 18.85 -4.72 -9.76
N ASP A 324 17.52 -4.74 -9.78
CA ASP A 324 16.74 -4.26 -8.65
C ASP A 324 16.70 -5.36 -7.59
N PRO A 325 17.24 -5.08 -6.41
CA PRO A 325 17.22 -6.14 -5.39
C PRO A 325 15.83 -6.57 -4.94
N PHE A 326 14.84 -5.70 -5.11
CA PHE A 326 13.51 -6.03 -4.75
C PHE A 326 12.67 -6.25 -5.99
N ARG A 327 13.31 -6.70 -7.06
CA ARG A 327 12.58 -6.92 -8.31
C ARG A 327 11.46 -7.94 -8.16
N TRP A 328 11.63 -8.93 -7.28
CA TRP A 328 10.54 -9.90 -7.02
C TRP A 328 9.79 -9.58 -5.75
N GLY A 329 9.89 -8.33 -5.31
CA GLY A 329 9.17 -7.86 -4.13
C GLY A 329 10.08 -7.83 -2.91
N ILE A 330 9.68 -7.02 -1.92
CA ILE A 330 10.41 -6.88 -0.66
C ILE A 330 9.80 -7.86 0.36
N VAL A 331 10.60 -8.84 0.77
CA VAL A 331 10.11 -9.94 1.61
C VAL A 331 10.53 -9.76 3.07
N LEU B 18 -17.49 7.75 -25.88
CA LEU B 18 -18.39 7.95 -24.70
C LEU B 18 -17.85 7.24 -23.46
N TYR B 19 -17.53 5.96 -23.62
CA TYR B 19 -17.00 5.16 -22.52
C TYR B 19 -15.62 5.70 -22.08
N PHE B 20 -14.73 5.87 -23.05
CA PHE B 20 -13.42 6.54 -22.83
C PHE B 20 -13.54 7.86 -22.06
N GLN B 21 -14.59 8.63 -22.32
CA GLN B 21 -14.74 9.95 -21.69
C GLN B 21 -15.40 9.91 -20.32
N SER B 22 -15.82 8.72 -19.88
CA SER B 22 -16.37 8.55 -18.54
C SER B 22 -15.30 8.52 -17.43
N MET B 23 -14.03 8.71 -17.78
CA MET B 23 -12.97 8.63 -16.78
C MET B 23 -11.75 9.47 -17.13
N LYS B 24 -11.16 10.05 -16.09
CA LYS B 24 -9.91 10.81 -16.26
C LYS B 24 -8.72 9.87 -16.22
N ARG B 25 -7.64 10.32 -16.87
CA ARG B 25 -6.44 9.53 -17.00
C ARG B 25 -5.28 10.36 -16.48
N ILE B 26 -4.44 9.76 -15.64
CA ILE B 26 -3.24 10.41 -15.12
C ILE B 26 -2.07 9.47 -15.35
N GLN B 27 -1.06 9.92 -16.11
CA GLN B 27 0.10 9.09 -16.44
C GLN B 27 1.14 9.27 -15.36
N ILE B 28 1.59 8.15 -14.81
CA ILE B 28 2.58 8.17 -13.74
C ILE B 28 3.67 7.14 -14.00
N ILE B 29 4.81 7.34 -13.35
CA ILE B 29 5.85 6.31 -13.29
C ILE B 29 6.29 6.14 -11.81
N ASP B 30 6.26 4.91 -11.34
CA ASP B 30 6.62 4.61 -9.96
C ASP B 30 8.04 4.06 -9.94
N SER B 31 8.82 4.53 -8.95
CA SER B 31 10.14 3.99 -8.66
C SER B 31 10.26 3.77 -7.16
N HIS B 32 11.34 3.14 -6.71
CA HIS B 32 11.63 3.07 -5.31
C HIS B 32 13.12 3.18 -5.09
N THR B 33 13.47 3.87 -4.02
CA THR B 33 14.85 4.08 -3.64
C THR B 33 14.97 3.38 -2.29
N GLY B 34 15.62 2.23 -2.29
CA GLY B 34 15.76 1.43 -1.08
C GLY B 34 14.42 1.00 -0.51
N GLY B 35 13.49 0.66 -1.38
CA GLY B 35 12.17 0.19 -0.97
C GLY B 35 11.16 1.30 -0.72
N GLU B 36 11.60 2.55 -0.61
CA GLU B 36 10.72 3.70 -0.39
C GLU B 36 10.18 4.18 -1.73
N PRO B 37 8.85 4.16 -1.92
CA PRO B 37 8.33 4.47 -3.26
C PRO B 37 8.11 5.94 -3.58
N THR B 38 8.35 6.30 -4.83
CA THR B 38 8.06 7.62 -5.36
C THR B 38 7.22 7.46 -6.63
N ARG B 39 6.25 8.35 -6.79
CA ARG B 39 5.37 8.35 -7.94
C ARG B 39 5.53 9.67 -8.70
N LEU B 40 6.10 9.60 -9.89
CA LEU B 40 6.24 10.78 -10.72
C LEU B 40 4.99 10.92 -11.57
N VAL B 41 4.33 12.06 -11.47
CA VAL B 41 3.18 12.33 -12.31
C VAL B 41 3.65 13.03 -13.57
N VAL B 42 3.62 12.32 -14.68
CA VAL B 42 4.08 12.81 -15.97
C VAL B 42 3.06 13.72 -16.65
N SER B 43 1.77 13.37 -16.61
CA SER B 43 0.72 14.21 -17.21
C SER B 43 -0.64 13.85 -16.65
N GLY B 44 -1.59 14.77 -16.84
CA GLY B 44 -2.98 14.53 -16.46
C GLY B 44 -3.46 15.42 -15.34
N PHE B 45 -2.58 16.19 -14.70
CA PHE B 45 -3.06 17.20 -13.76
C PHE B 45 -3.48 18.41 -14.55
N PRO B 46 -4.35 19.25 -13.95
CA PRO B 46 -4.73 20.48 -14.63
C PRO B 46 -3.56 21.47 -14.67
N SER B 47 -3.65 22.45 -15.55
CA SER B 47 -2.63 23.48 -15.65
C SER B 47 -2.58 24.29 -14.38
N LEU B 48 -1.37 24.60 -13.91
CA LEU B 48 -1.16 25.34 -12.69
C LEU B 48 -0.54 26.71 -12.96
N GLY B 49 -0.55 27.12 -14.22
CA GLY B 49 0.07 28.39 -14.63
C GLY B 49 1.53 28.19 -14.99
N SER B 50 2.24 29.30 -15.16
CA SER B 50 3.64 29.27 -15.59
C SER B 50 4.55 30.02 -14.62
N GLY B 51 4.09 30.22 -13.38
CA GLY B 51 4.91 30.86 -12.36
C GLY B 51 5.95 29.93 -11.79
N THR B 52 6.51 30.32 -10.65
CA THR B 52 7.50 29.49 -9.97
C THR B 52 6.83 28.23 -9.44
N MET B 53 7.65 27.23 -9.11
CA MET B 53 7.12 25.99 -8.53
C MET B 53 6.25 26.23 -7.30
N ALA B 54 6.64 27.20 -6.48
CA ALA B 54 5.88 27.54 -5.25
C ALA B 54 4.53 28.13 -5.55
N GLU B 55 4.47 28.96 -6.60
CA GLU B 55 3.22 29.57 -7.02
C GLU B 55 2.31 28.52 -7.65
N ARG B 56 2.90 27.56 -8.34
CA ARG B 56 2.14 26.48 -8.95
C ARG B 56 1.62 25.55 -7.87
N ARG B 57 2.44 25.29 -6.85
CA ARG B 57 2.03 24.49 -5.71
C ARG B 57 0.80 25.10 -5.04
N ASP B 58 0.82 26.41 -4.81
CA ASP B 58 -0.33 27.11 -4.21
C ASP B 58 -1.62 26.92 -5.00
N VAL B 59 -1.54 26.97 -6.32
CA VAL B 59 -2.68 26.79 -7.16
C VAL B 59 -3.19 25.36 -7.02
N LEU B 60 -2.28 24.40 -7.11
CA LEU B 60 -2.60 22.99 -6.92
C LEU B 60 -3.27 22.71 -5.57
N ALA B 61 -2.69 23.22 -4.48
CA ALA B 61 -3.24 22.99 -3.14
C ALA B 61 -4.61 23.62 -2.96
N ARG B 62 -4.84 24.75 -3.60
CA ARG B 62 -6.08 25.50 -3.39
C ARG B 62 -7.18 25.06 -4.32
N GLU B 63 -6.86 24.90 -5.60
CA GLU B 63 -7.87 24.58 -6.62
C GLU B 63 -8.02 23.09 -6.92
N TYR B 64 -6.94 22.32 -6.81
CA TYR B 64 -6.94 20.97 -7.39
C TYR B 64 -6.42 19.88 -6.47
N ASP B 65 -6.67 20.03 -5.18
CA ASP B 65 -6.11 19.11 -4.20
C ASP B 65 -6.66 17.69 -4.38
N ARG B 66 -7.82 17.56 -5.01
CA ARG B 66 -8.37 16.25 -5.27
C ARG B 66 -7.45 15.39 -6.15
N TYR B 67 -6.64 16.03 -6.99
CA TYR B 67 -5.70 15.31 -7.81
C TYR B 67 -4.57 14.69 -6.97
N ARG B 68 -4.15 15.40 -5.94
CA ARG B 68 -3.16 14.84 -5.00
C ARG B 68 -3.71 13.58 -4.35
N THR B 69 -4.94 13.65 -3.85
CA THR B 69 -5.51 12.54 -3.10
C THR B 69 -5.74 11.33 -4.01
N ALA B 70 -6.18 11.59 -5.24
CA ALA B 70 -6.34 10.52 -6.23
C ALA B 70 -5.05 9.73 -6.41
N CYS B 71 -3.92 10.43 -6.43
CA CYS B 71 -2.63 9.80 -6.65
C CYS B 71 -2.02 9.10 -5.44
N ILE B 72 -2.24 9.64 -4.25
CA ILE B 72 -1.49 9.19 -3.08
C ILE B 72 -2.30 8.28 -2.23
N LEU B 73 -3.59 8.58 -2.13
CA LEU B 73 -4.44 7.81 -1.26
C LEU B 73 -4.83 6.50 -1.91
N GLU B 74 -5.21 5.57 -1.07
CA GLU B 74 -5.86 4.36 -1.49
C GLU B 74 -7.16 4.71 -2.22
N PRO B 75 -7.55 3.88 -3.18
CA PRO B 75 -6.91 2.62 -3.54
C PRO B 75 -5.71 2.72 -4.48
N ARG B 76 -5.45 3.88 -5.08
CA ARG B 76 -4.39 3.97 -6.10
C ARG B 76 -2.98 4.11 -5.52
N GLY B 77 -2.88 4.59 -4.28
CA GLY B 77 -1.59 4.84 -3.65
C GLY B 77 -1.53 4.19 -2.28
N SER B 78 -0.65 4.71 -1.43
CA SER B 78 -0.60 4.31 -0.02
C SER B 78 -0.03 5.45 0.83
N ASP B 79 -0.11 5.27 2.14
CA ASP B 79 0.37 6.27 3.11
C ASP B 79 1.86 6.55 3.06
N VAL B 80 2.64 5.57 2.64
CA VAL B 80 4.08 5.75 2.56
C VAL B 80 4.55 6.34 1.23
N LEU B 81 3.62 6.59 0.31
CA LEU B 81 3.98 7.04 -1.02
C LEU B 81 4.29 8.52 -1.05
N VAL B 82 5.38 8.88 -1.71
CA VAL B 82 5.65 10.27 -2.01
C VAL B 82 5.34 10.52 -3.47
N GLY B 83 4.66 11.60 -3.76
CA GLY B 83 4.37 11.96 -5.14
C GLY B 83 5.18 13.14 -5.58
N ALA B 84 5.33 13.27 -6.88
CA ALA B 84 6.07 14.34 -7.48
C ALA B 84 5.39 14.71 -8.78
N LEU B 85 4.91 15.93 -8.89
CA LEU B 85 4.30 16.36 -10.15
C LEU B 85 5.39 16.98 -11.01
N LEU B 86 5.57 16.44 -12.20
CA LEU B 86 6.52 17.00 -13.15
C LEU B 86 5.99 18.28 -13.78
N CYS B 87 6.77 19.34 -13.75
CA CYS B 87 6.40 20.61 -14.37
C CYS B 87 7.53 21.12 -15.24
N GLU B 88 7.16 21.91 -16.23
CA GLU B 88 8.08 22.68 -17.03
C GLU B 88 8.73 23.75 -16.16
N PRO B 89 10.06 23.72 -16.03
CA PRO B 89 10.74 24.69 -15.16
C PRO B 89 10.68 26.11 -15.69
N VAL B 90 10.96 27.07 -14.83
CA VAL B 90 11.08 28.45 -15.26
C VAL B 90 12.44 28.71 -15.94
N SER B 91 13.53 28.29 -15.31
CA SER B 91 14.85 28.48 -15.91
C SER B 91 15.08 27.45 -17.02
N PRO B 92 15.57 27.90 -18.20
CA PRO B 92 15.93 26.92 -19.22
C PRO B 92 17.22 26.12 -18.87
N ASP B 93 17.95 26.55 -17.84
CA ASP B 93 19.08 25.77 -17.31
C ASP B 93 18.66 24.59 -16.42
N ALA B 94 17.37 24.46 -16.12
CA ALA B 94 16.89 23.36 -15.29
C ALA B 94 16.35 22.25 -16.16
N ALA B 95 16.59 21.01 -15.77
CA ALA B 95 16.09 19.86 -16.49
C ALA B 95 14.58 19.69 -16.29
N ALA B 96 14.11 20.06 -15.11
CA ALA B 96 12.71 19.88 -14.78
C ALA B 96 12.35 20.71 -13.56
N GLY B 97 11.05 20.81 -13.33
CA GLY B 97 10.50 21.31 -12.08
C GLY B 97 9.68 20.19 -11.48
N VAL B 98 9.57 20.18 -10.16
N VAL B 98 9.62 20.14 -10.15
CA VAL B 98 8.80 19.17 -9.45
CA VAL B 98 8.77 19.20 -9.45
C VAL B 98 8.15 19.74 -8.20
C VAL B 98 8.07 19.85 -8.26
N ILE B 99 6.92 19.27 -7.90
CA ILE B 99 6.22 19.61 -6.66
C ILE B 99 6.00 18.30 -5.92
N PHE B 100 6.57 18.18 -4.73
CA PHE B 100 6.49 16.93 -3.98
C PHE B 100 5.28 17.01 -3.10
N PHE B 101 4.63 15.88 -2.90
CA PHE B 101 3.50 15.79 -1.99
C PHE B 101 3.35 14.41 -1.42
N ASN B 102 2.51 14.28 -0.41
CA ASN B 102 2.24 13.00 0.21
C ASN B 102 0.83 13.00 0.75
N ASN B 103 0.51 12.04 1.60
CA ASN B 103 -0.84 11.87 2.10
C ASN B 103 -1.38 13.05 2.93
N SER B 104 -0.51 13.77 3.62
CA SER B 104 -0.96 14.87 4.48
C SER B 104 -0.95 16.23 3.77
N GLY B 105 -0.18 16.35 2.71
CA GLY B 105 -0.15 17.61 1.98
C GLY B 105 1.05 17.78 1.08
N TYR B 106 1.58 19.00 1.04
CA TYR B 106 2.65 19.34 0.10
C TYR B 106 3.96 19.49 0.83
N LEU B 107 5.03 19.05 0.20
CA LEU B 107 6.34 19.04 0.82
C LEU B 107 7.19 20.10 0.14
N GLY B 108 8.43 20.23 0.62
CA GLY B 108 9.43 21.09 -0.02
C GLY B 108 10.34 20.24 -0.86
N MET B 109 11.46 19.82 -0.27
CA MET B 109 12.43 18.97 -0.94
C MET B 109 12.33 17.58 -0.37
N CYS B 110 12.75 16.60 -1.17
CA CYS B 110 12.73 15.21 -0.74
C CYS B 110 13.93 14.52 -1.40
N GLY B 111 14.86 14.07 -0.55
CA GLY B 111 16.10 13.50 -1.04
C GLY B 111 15.91 12.21 -1.80
N HIS B 112 15.36 11.19 -1.17
CA HIS B 112 15.20 9.90 -1.83
C HIS B 112 14.22 10.04 -2.99
N GLY B 113 13.25 10.93 -2.85
CA GLY B 113 12.32 11.22 -3.92
C GLY B 113 13.00 11.82 -5.14
N THR B 114 13.99 12.71 -4.91
CA THR B 114 14.73 13.32 -6.02
C THR B 114 15.58 12.27 -6.73
N ILE B 115 16.07 11.28 -6.00
CA ILE B 115 16.79 10.18 -6.63
C ILE B 115 15.85 9.46 -7.63
N GLY B 116 14.65 9.15 -7.18
CA GLY B 116 13.63 8.53 -8.05
C GLY B 116 13.28 9.41 -9.24
N VAL B 117 13.12 10.70 -9.01
CA VAL B 117 12.73 11.59 -10.08
C VAL B 117 13.77 11.61 -11.18
N VAL B 118 15.04 11.73 -10.78
CA VAL B 118 16.10 11.86 -11.75
C VAL B 118 16.29 10.56 -12.54
N ARG B 119 16.25 9.42 -11.84
CA ARG B 119 16.27 8.12 -12.51
C ARG B 119 15.11 8.03 -13.52
N THR B 120 13.95 8.52 -13.11
CA THR B 120 12.73 8.42 -13.94
C THR B 120 12.83 9.31 -15.19
N LEU B 121 13.41 10.51 -15.05
CA LEU B 121 13.66 11.36 -16.21
C LEU B 121 14.58 10.69 -17.21
N HIS B 122 15.54 9.93 -16.72
CA HIS B 122 16.39 9.17 -17.62
C HIS B 122 15.60 8.10 -18.34
N HIS B 123 14.79 7.34 -17.60
CA HIS B 123 13.91 6.33 -18.19
C HIS B 123 13.00 6.92 -19.26
N MET B 124 12.55 8.16 -19.05
CA MET B 124 11.70 8.82 -20.03
C MET B 124 12.47 9.31 -21.25
N GLY B 125 13.79 9.28 -21.20
CA GLY B 125 14.59 9.72 -22.32
C GLY B 125 14.80 11.21 -22.32
N ARG B 126 14.55 11.87 -21.19
CA ARG B 126 14.72 13.32 -21.12
C ARG B 126 16.14 13.80 -20.77
N ILE B 127 16.91 12.98 -20.07
CA ILE B 127 18.26 13.35 -19.68
C ILE B 127 19.18 12.17 -19.82
N GLY B 128 20.46 12.46 -20.03
CA GLY B 128 21.54 11.48 -19.91
C GLY B 128 22.39 11.73 -18.68
N PRO B 129 23.36 10.84 -18.42
CA PRO B 129 24.23 10.99 -17.26
C PRO B 129 24.86 12.35 -17.22
N GLY B 130 24.99 12.92 -16.03
CA GLY B 130 25.53 14.26 -15.87
C GLY B 130 24.94 14.99 -14.69
N VAL B 131 25.24 16.29 -14.62
CA VAL B 131 24.74 17.13 -13.56
C VAL B 131 23.47 17.83 -14.05
N HIS B 132 22.44 17.82 -13.21
CA HIS B 132 21.17 18.44 -13.56
C HIS B 132 20.60 19.23 -12.39
N ARG B 133 19.85 20.26 -12.74
CA ARG B 133 19.16 21.09 -11.77
C ARG B 133 17.66 20.85 -11.86
N ILE B 134 17.04 20.71 -10.70
CA ILE B 134 15.61 20.47 -10.59
C ILE B 134 14.99 21.59 -9.77
N GLU B 135 14.06 22.34 -10.35
CA GLU B 135 13.37 23.37 -9.58
C GLU B 135 12.36 22.71 -8.65
N THR B 136 12.28 23.21 -7.42
CA THR B 136 11.26 22.81 -6.47
C THR B 136 10.70 24.10 -5.87
N PRO B 137 9.57 24.00 -5.13
CA PRO B 137 8.99 25.18 -4.48
C PRO B 137 9.93 25.85 -3.48
N VAL B 138 10.82 25.07 -2.87
CA VAL B 138 11.79 25.60 -1.90
C VAL B 138 13.19 25.80 -2.50
N GLY B 139 13.31 25.82 -3.83
CA GLY B 139 14.57 26.13 -4.49
C GLY B 139 15.07 25.07 -5.44
N THR B 140 16.18 25.38 -6.10
CA THR B 140 16.71 24.54 -7.16
C THR B 140 17.67 23.52 -6.56
N VAL B 141 17.42 22.25 -6.82
CA VAL B 141 18.22 21.16 -6.29
C VAL B 141 19.19 20.70 -7.34
N GLU B 142 20.41 20.40 -6.91
CA GLU B 142 21.42 19.90 -7.82
C GLU B 142 21.58 18.40 -7.62
N ALA B 143 21.66 17.67 -8.72
CA ALA B 143 21.80 16.22 -8.67
C ALA B 143 22.75 15.76 -9.77
N THR B 144 23.46 14.67 -9.49
CA THR B 144 24.30 14.03 -10.48
C THR B 144 23.74 12.65 -10.83
N LEU B 145 23.46 12.45 -12.12
CA LEU B 145 23.10 11.13 -12.63
C LEU B 145 24.38 10.47 -13.08
N HIS B 146 24.71 9.36 -12.42
CA HIS B 146 25.94 8.62 -12.73
C HIS B 146 25.66 7.63 -13.86
N ASP B 147 26.71 7.14 -14.51
CA ASP B 147 26.55 6.20 -15.62
C ASP B 147 25.76 4.96 -15.23
N ASP B 148 25.96 4.47 -14.00
CA ASP B 148 25.21 3.29 -13.55
C ASP B 148 23.74 3.61 -13.17
N LEU B 149 23.34 4.86 -13.40
CA LEU B 149 21.98 5.38 -13.17
C LEU B 149 21.61 5.61 -11.71
N SER B 150 22.57 5.48 -10.79
CA SER B 150 22.41 5.98 -9.44
C SER B 150 22.50 7.50 -9.50
N VAL B 151 22.08 8.16 -8.42
CA VAL B 151 22.03 9.59 -8.37
C VAL B 151 22.61 10.13 -7.06
N SER B 152 23.46 11.16 -7.17
CA SER B 152 23.92 11.93 -6.00
C SER B 152 23.09 13.20 -5.93
N VAL B 153 22.39 13.36 -4.82
CA VAL B 153 21.54 14.53 -4.58
CA VAL B 153 21.55 14.53 -4.60
C VAL B 153 22.10 15.39 -3.47
N ARG B 154 22.21 16.70 -3.75
CA ARG B 154 22.58 17.69 -2.75
C ARG B 154 21.31 18.02 -1.97
N ASN B 155 21.34 17.69 -0.67
N ASN B 155 21.28 17.63 -0.70
CA ASN B 155 20.20 17.81 0.22
CA ASN B 155 20.08 17.77 0.15
C ASN B 155 20.11 19.17 0.89
C ASN B 155 20.12 19.11 0.91
N VAL B 156 19.07 19.35 1.70
CA VAL B 156 18.95 20.53 2.53
C VAL B 156 19.94 20.55 3.67
N LEU B 157 20.11 21.73 4.24
CA LEU B 157 20.97 21.98 5.37
C LEU B 157 20.64 21.00 6.49
N ALA B 158 21.66 20.35 7.04
CA ALA B 158 21.49 19.44 8.17
C ALA B 158 22.33 19.93 9.33
N TYR B 159 21.88 19.64 10.55
CA TYR B 159 22.64 20.03 11.74
C TYR B 159 22.23 19.18 12.94
N ARG B 160 23.10 19.11 13.94
CA ARG B 160 22.79 18.47 15.20
C ARG B 160 22.28 19.52 16.15
N HIS B 161 21.17 19.20 16.80
CA HIS B 161 20.52 20.09 17.73
C HIS B 161 21.02 19.84 19.16
N ALA B 162 21.22 18.57 19.52
CA ALA B 162 21.70 18.23 20.86
C ALA B 162 22.52 16.95 20.85
N LYS B 163 23.59 16.98 21.64
CA LYS B 163 24.52 15.86 21.76
C LYS B 163 24.31 15.08 23.05
N ASP B 164 24.27 13.76 22.94
CA ASP B 164 24.27 12.85 24.12
C ASP B 164 23.14 13.14 25.08
N VAL B 165 21.92 13.13 24.55
CA VAL B 165 20.76 13.31 25.39
C VAL B 165 20.46 11.99 26.08
N ALA B 166 20.26 12.07 27.40
CA ALA B 166 20.00 10.90 28.21
C ALA B 166 18.51 10.61 28.21
N LEU B 167 18.16 9.33 28.09
CA LEU B 167 16.77 8.93 28.00
C LEU B 167 16.55 7.53 28.58
N ASP B 168 15.51 7.39 29.38
CA ASP B 168 15.10 6.11 29.91
C ASP B 168 14.12 5.46 28.92
N VAL B 169 14.51 4.34 28.32
CA VAL B 169 13.61 3.65 27.41
C VAL B 169 12.71 2.68 28.17
N PRO B 170 11.41 2.81 28.07
CA PRO B 170 10.54 1.96 28.86
C PRO B 170 10.71 0.53 28.48
N GLY B 171 10.93 -0.36 29.45
CA GLY B 171 11.12 -1.76 29.16
C GLY B 171 12.51 -2.12 28.69
N TYR B 172 13.40 -1.15 28.66
CA TYR B 172 14.79 -1.41 28.25
C TYR B 172 15.90 -0.89 29.15
N GLY B 173 15.77 0.35 29.57
CA GLY B 173 16.85 1.00 30.26
C GLY B 173 17.44 2.21 29.57
N PRO B 174 18.30 2.90 30.26
CA PRO B 174 18.81 4.18 29.76
C PRO B 174 19.61 4.10 28.46
N VAL B 175 19.60 5.19 27.69
CA VAL B 175 20.50 5.39 26.56
C VAL B 175 20.91 6.85 26.42
N ARG B 176 21.91 7.07 25.58
CA ARG B 176 22.30 8.38 25.10
C ARG B 176 21.96 8.43 23.63
N GLY B 177 21.43 9.55 23.16
CA GLY B 177 21.23 9.75 21.72
C GLY B 177 21.51 11.19 21.32
N ASP B 178 21.71 11.40 20.01
CA ASP B 178 21.77 12.73 19.44
C ASP B 178 20.45 13.11 18.81
N ILE B 179 20.02 14.36 19.02
CA ILE B 179 18.90 14.92 18.27
C ILE B 179 19.46 15.72 17.10
N ALA B 180 19.03 15.40 15.88
CA ALA B 180 19.56 16.03 14.68
C ALA B 180 18.51 16.21 13.60
N TRP B 181 18.68 17.23 12.80
CA TRP B 181 17.81 17.52 11.69
C TRP B 181 18.51 17.20 10.35
N GLY B 182 17.89 16.30 9.59
CA GLY B 182 18.28 16.00 8.22
C GLY B 182 17.09 15.84 7.30
N GLY B 183 16.39 16.94 7.08
CA GLY B 183 15.13 16.91 6.37
C GLY B 183 13.95 16.49 7.25
N ASN B 184 14.28 16.00 8.44
CA ASN B 184 13.38 15.47 9.46
C ASN B 184 14.11 15.40 10.81
N TRP B 185 13.35 15.31 11.90
CA TRP B 185 13.91 15.19 13.23
C TRP B 185 14.19 13.75 13.58
N PHE B 186 15.45 13.50 13.90
CA PHE B 186 15.91 12.16 14.22
C PHE B 186 16.44 12.08 15.65
N PHE B 187 16.18 10.95 16.31
CA PHE B 187 16.97 10.58 17.49
C PHE B 187 17.89 9.44 17.04
N LEU B 188 19.19 9.67 17.15
CA LEU B 188 20.21 8.73 16.68
C LEU B 188 20.92 8.07 17.87
N ILE B 189 20.90 6.74 17.90
CA ILE B 189 21.46 5.97 19.02
C ILE B 189 22.44 4.94 18.53
N SER B 190 23.63 4.89 19.14
CA SER B 190 24.60 3.80 18.91
C SER B 190 24.57 2.75 20.02
N ASP B 191 24.40 3.18 21.27
CA ASP B 191 24.42 2.26 22.43
C ASP B 191 23.03 1.72 22.81
N HIS B 192 22.39 1.06 21.86
CA HIS B 192 21.03 0.53 22.06
C HIS B 192 21.03 -0.91 22.56
N GLY B 193 22.11 -1.65 22.32
CA GLY B 193 22.20 -3.05 22.77
C GLY B 193 21.40 -4.05 21.94
N GLN B 194 20.87 -3.59 20.81
CA GLN B 194 20.17 -4.42 19.84
C GLN B 194 21.08 -4.93 18.73
N ARG B 195 20.68 -6.05 18.12
CA ARG B 195 21.32 -6.57 16.92
C ARG B 195 20.69 -5.94 15.67
N VAL B 196 21.45 -5.06 15.02
CA VAL B 196 20.97 -4.35 13.84
C VAL B 196 21.22 -5.21 12.60
N ALA B 197 20.23 -6.02 12.26
CA ALA B 197 20.33 -6.94 11.12
C ALA B 197 18.96 -7.13 10.47
N GLY B 198 18.97 -7.48 9.19
CA GLY B 198 17.75 -7.62 8.40
C GLY B 198 16.75 -8.61 8.97
N ASP B 199 17.26 -9.71 9.53
CA ASP B 199 16.40 -10.76 10.07
C ASP B 199 15.88 -10.49 11.49
N ASN B 200 16.03 -9.25 11.98
CA ASN B 200 15.72 -8.92 13.37
C ASN B 200 14.87 -7.64 13.48
N VAL B 201 14.08 -7.38 12.45
CA VAL B 201 13.34 -6.13 12.35
C VAL B 201 12.23 -5.97 13.40
N ALA B 202 11.63 -7.08 13.83
CA ALA B 202 10.57 -7.02 14.84
C ALA B 202 11.10 -6.42 16.14
N ALA B 203 12.15 -7.03 16.69
CA ALA B 203 12.75 -6.56 17.93
C ALA B 203 13.28 -5.12 17.79
N LEU B 204 13.82 -4.81 16.61
CA LEU B 204 14.32 -3.45 16.35
C LEU B 204 13.18 -2.46 16.37
N THR B 205 12.05 -2.87 15.80
CA THR B 205 10.88 -2.02 15.73
C THR B 205 10.30 -1.77 17.12
N ALA B 206 10.22 -2.82 17.92
CA ALA B 206 9.71 -2.70 19.28
C ALA B 206 10.59 -1.77 20.10
N TYR B 207 11.90 -1.93 19.99
CA TYR B 207 12.84 -1.09 20.72
C TYR B 207 12.71 0.38 20.31
N ALA B 208 12.75 0.66 19.00
CA ALA B 208 12.66 2.04 18.50
C ALA B 208 11.33 2.71 18.85
N SER B 209 10.27 1.91 18.86
CA SER B 209 8.96 2.40 19.28
C SER B 209 8.98 2.84 20.74
N ALA B 210 9.56 2.00 21.60
CA ALA B 210 9.72 2.34 23.02
C ALA B 210 10.56 3.60 23.21
N VAL B 211 11.59 3.77 22.37
CA VAL B 211 12.41 4.98 22.41
C VAL B 211 11.56 6.21 22.12
N ARG B 212 10.79 6.16 21.03
CA ARG B 212 9.95 7.28 20.63
C ARG B 212 8.94 7.62 21.72
N GLU B 213 8.42 6.58 22.37
CA GLU B 213 7.46 6.78 23.44
C GLU B 213 8.13 7.46 24.64
N GLY B 214 9.37 7.06 24.94
CA GLY B 214 10.15 7.70 25.99
C GLY B 214 10.45 9.16 25.71
N LEU B 215 10.74 9.48 24.45
CA LEU B 215 10.92 10.88 24.01
C LEU B 215 9.65 11.68 24.27
N GLU B 216 8.50 11.12 23.93
CA GLU B 216 7.20 11.75 24.19
C GLU B 216 7.01 12.02 25.69
N ARG B 217 7.09 10.96 26.49
CA ARG B 217 6.91 11.05 27.94
C ARG B 217 7.82 12.08 28.60
N ALA B 218 9.05 12.18 28.12
CA ALA B 218 10.03 13.09 28.71
C ALA B 218 9.90 14.52 28.17
N GLY B 219 9.09 14.72 27.14
CA GLY B 219 8.94 16.03 26.50
C GLY B 219 10.19 16.43 25.73
N ILE B 220 10.90 15.46 25.18
CA ILE B 220 12.13 15.72 24.45
C ILE B 220 11.79 16.01 22.98
N THR B 221 12.23 17.16 22.49
CA THR B 221 11.93 17.57 21.11
C THR B 221 13.14 18.12 20.39
N GLY B 222 12.98 18.36 19.10
CA GLY B 222 13.95 19.14 18.33
C GLY B 222 13.78 20.62 18.63
N ALA B 223 14.51 21.44 17.89
CA ALA B 223 14.39 22.89 18.02
C ALA B 223 12.95 23.32 17.77
N ASN B 224 12.54 24.38 18.45
CA ASN B 224 11.19 24.91 18.37
C ASN B 224 10.15 23.82 18.58
N GLY B 225 10.34 23.02 19.63
CA GLY B 225 9.41 21.97 19.97
C GLY B 225 9.11 20.96 18.88
N GLY B 226 10.04 20.76 17.95
CA GLY B 226 9.82 19.88 16.81
C GLY B 226 9.69 18.42 17.24
N GLU B 227 8.70 17.74 16.70
CA GLU B 227 8.46 16.34 17.05
C GLU B 227 9.52 15.44 16.47
N ILE B 228 10.14 14.63 17.33
CA ILE B 228 11.12 13.65 16.89
C ILE B 228 10.41 12.35 16.50
N ASP B 229 10.16 12.17 15.20
CA ASP B 229 9.35 11.06 14.72
C ASP B 229 10.13 9.99 13.98
N HIS B 230 11.44 10.20 13.82
CA HIS B 230 12.32 9.21 13.24
C HIS B 230 13.34 8.77 14.29
N ILE B 231 13.47 7.46 14.45
CA ILE B 231 14.47 6.87 15.33
C ILE B 231 15.44 6.08 14.46
N GLU B 232 16.73 6.30 14.64
CA GLU B 232 17.74 5.55 13.89
C GLU B 232 18.71 4.84 14.83
N LEU B 233 18.85 3.53 14.64
CA LEU B 233 19.75 2.71 15.44
C LEU B 233 20.94 2.30 14.56
N PHE B 234 22.15 2.60 15.02
CA PHE B 234 23.34 2.33 14.24
C PHE B 234 24.16 1.19 14.82
N ALA B 235 24.97 0.57 13.97
CA ALA B 235 25.90 -0.47 14.39
C ALA B 235 27.07 -0.55 13.43
N ASP B 236 28.18 -1.13 13.92
CA ASP B 236 29.33 -1.44 13.11
C ASP B 236 28.95 -2.40 12.00
N ASP B 237 29.69 -2.32 10.90
CA ASP B 237 29.46 -3.19 9.77
C ASP B 237 30.81 -3.57 9.20
N PRO B 238 30.98 -4.85 8.87
CA PRO B 238 32.29 -5.24 8.32
C PRO B 238 32.56 -4.64 6.93
N GLU B 239 31.51 -4.34 6.16
CA GLU B 239 31.71 -3.80 4.81
C GLU B 239 31.55 -2.28 4.70
N HIS B 240 30.86 -1.66 5.65
CA HIS B 240 30.55 -0.23 5.55
C HIS B 240 30.90 0.50 6.83
N ASP B 241 30.84 1.81 6.76
CA ASP B 241 31.10 2.65 7.93
C ASP B 241 30.01 2.48 8.99
N SER B 242 28.80 2.12 8.55
CA SER B 242 27.69 1.92 9.48
C SER B 242 26.58 1.13 8.84
N ARG B 243 25.88 0.37 9.68
CA ARG B 243 24.63 -0.28 9.32
C ARG B 243 23.56 0.37 10.16
N SER B 244 22.43 0.73 9.54
CA SER B 244 21.37 1.45 10.25
C SER B 244 19.96 0.87 10.06
N PHE B 245 19.14 1.09 11.09
CA PHE B 245 17.73 0.78 11.06
C PHE B 245 17.01 2.07 11.44
N VAL B 246 16.06 2.48 10.61
CA VAL B 246 15.26 3.66 10.89
C VAL B 246 13.82 3.26 11.14
N LEU B 247 13.25 3.75 12.24
CA LEU B 247 11.81 3.59 12.49
C LEU B 247 11.12 4.83 11.94
N CYS B 248 10.25 4.63 10.96
CA CYS B 248 9.57 5.73 10.26
C CYS B 248 8.34 6.12 11.07
N PRO B 249 7.79 7.32 10.82
CA PRO B 249 6.58 7.77 11.53
C PRO B 249 5.35 6.88 11.35
N GLY B 250 4.68 6.55 12.46
CA GLY B 250 3.48 5.72 12.44
C GLY B 250 3.67 4.46 13.27
N ARG B 255 0.83 5.78 9.66
CA ARG B 255 1.95 5.56 8.74
C ARG B 255 2.15 6.75 7.79
N SER B 256 3.39 7.04 7.42
CA SER B 256 3.75 8.08 6.44
C SER B 256 5.20 7.85 5.96
N PRO B 257 5.65 8.58 4.91
CA PRO B 257 6.99 8.25 4.38
C PRO B 257 8.14 8.49 5.37
N CYS B 258 9.33 7.95 5.07
CA CYS B 258 10.53 8.27 5.86
C CYS B 258 11.79 8.42 5.00
N GLY B 259 12.74 9.19 5.53
CA GLY B 259 14.09 9.28 4.97
C GLY B 259 14.90 8.14 5.56
N THR B 260 16.17 8.05 5.25
CA THR B 260 16.93 6.98 5.84
C THR B 260 18.01 7.39 6.81
N GLY B 261 17.97 8.66 7.14
CA GLY B 261 18.75 9.18 8.24
C GLY B 261 20.23 9.42 7.96
N THR B 262 20.62 9.36 6.69
CA THR B 262 22.03 9.57 6.35
C THR B 262 22.46 11.00 6.65
N SER B 263 21.66 11.98 6.23
CA SER B 263 22.01 13.41 6.40
C SER B 263 22.16 13.78 7.86
N ALA B 264 21.27 13.26 8.69
CA ALA B 264 21.28 13.57 10.11
C ALA B 264 22.53 12.99 10.76
N LYS B 265 22.88 11.77 10.37
CA LYS B 265 24.06 11.10 10.87
C LYS B 265 25.33 11.88 10.50
N LEU B 266 25.40 12.29 9.24
CA LEU B 266 26.50 13.13 8.75
C LEU B 266 26.66 14.38 9.57
N ALA B 267 25.55 15.02 9.89
CA ALA B 267 25.60 16.22 10.71
C ALA B 267 26.24 15.95 12.09
N CYS B 268 25.97 14.80 12.70
CA CYS B 268 26.56 14.46 14.01
C CYS B 268 28.06 14.11 13.88
N LEU B 269 28.39 13.35 12.85
CA LEU B 269 29.78 13.03 12.52
C LEU B 269 30.61 14.29 12.32
N ALA B 270 30.07 15.24 11.55
CA ALA B 270 30.74 16.52 11.31
C ALA B 270 30.95 17.26 12.62
N ALA B 271 29.89 17.44 13.39
CA ALA B 271 29.95 18.14 14.67
C ALA B 271 30.89 17.50 15.69
N ASP B 272 31.12 16.19 15.59
CA ASP B 272 32.02 15.50 16.51
C ASP B 272 33.46 15.42 15.99
N GLY B 273 33.72 15.99 14.82
CA GLY B 273 35.08 15.92 14.26
C GLY B 273 35.48 14.52 13.83
N LYS B 274 34.50 13.70 13.47
CA LYS B 274 34.74 12.32 13.07
C LYS B 274 34.83 12.15 11.56
N LEU B 275 34.31 13.14 10.83
CA LEU B 275 34.31 13.08 9.39
C LEU B 275 34.53 14.48 8.83
N ALA B 276 35.54 14.63 8.00
CA ALA B 276 35.90 15.93 7.44
C ALA B 276 35.02 16.23 6.24
N PRO B 277 34.91 17.52 5.89
CA PRO B 277 34.21 17.92 4.68
C PRO B 277 34.85 17.27 3.47
N GLY B 278 34.05 16.63 2.64
CA GLY B 278 34.54 16.01 1.43
C GLY B 278 34.89 14.55 1.59
N ALA B 279 35.14 14.11 2.82
CA ALA B 279 35.41 12.68 3.07
C ALA B 279 34.16 11.85 2.79
N VAL B 280 34.36 10.67 2.22
CA VAL B 280 33.24 9.83 1.79
C VAL B 280 32.83 8.86 2.89
N TRP B 281 31.54 8.88 3.20
CA TRP B 281 30.95 8.05 4.23
C TRP B 281 30.01 7.05 3.53
N ARG B 282 30.03 5.80 3.99
CA ARG B 282 29.24 4.72 3.39
C ARG B 282 28.36 4.06 4.44
N GLN B 283 27.06 4.03 4.17
CA GLN B 283 26.04 3.56 5.11
C GLN B 283 25.12 2.55 4.42
N ALA B 284 24.89 1.43 5.09
CA ALA B 284 23.95 0.41 4.62
C ALA B 284 22.75 0.29 5.57
N SER B 285 21.56 0.10 5.00
CA SER B 285 20.38 -0.19 5.81
C SER B 285 20.28 -1.69 6.05
N VAL B 286 19.45 -2.08 7.02
CA VAL B 286 19.30 -3.49 7.36
C VAL B 286 18.71 -4.32 6.22
N ILE B 287 18.01 -3.67 5.29
CA ILE B 287 17.50 -4.36 4.10
C ILE B 287 18.49 -4.39 2.94
N GLY B 288 19.65 -3.76 3.11
CA GLY B 288 20.75 -3.88 2.15
C GLY B 288 20.98 -2.68 1.25
N SER B 289 20.14 -1.66 1.34
CA SER B 289 20.34 -0.45 0.55
C SER B 289 21.59 0.30 1.01
N VAL B 290 22.42 0.70 0.06
CA VAL B 290 23.68 1.36 0.38
C VAL B 290 23.68 2.81 -0.12
N PHE B 291 24.08 3.72 0.76
CA PHE B 291 24.25 5.14 0.42
C PHE B 291 25.68 5.63 0.66
N HIS B 292 26.23 6.38 -0.30
CA HIS B 292 27.55 7.01 -0.16
C HIS B 292 27.31 8.49 -0.03
N ALA B 293 28.09 9.17 0.81
CA ALA B 293 27.83 10.57 1.08
C ALA B 293 29.07 11.40 1.39
N SER B 294 28.95 12.70 1.14
CA SER B 294 29.92 13.67 1.63
C SER B 294 29.17 14.93 2.00
N TYR B 295 29.87 15.86 2.64
CA TYR B 295 29.28 17.11 3.00
C TYR B 295 30.28 18.25 2.84
N VAL B 296 29.72 19.45 2.79
CA VAL B 296 30.50 20.65 2.78
C VAL B 296 29.95 21.50 3.92
N GLN B 297 30.79 22.28 4.58
CA GLN B 297 30.31 23.14 5.67
C GLN B 297 29.51 24.30 5.12
N ALA B 298 28.49 24.69 5.87
CA ALA B 298 27.65 25.84 5.52
C ALA B 298 27.30 26.59 6.79
N GLU B 299 26.61 27.71 6.62
CA GLU B 299 26.18 28.53 7.75
C GLU B 299 25.13 27.75 8.53
N GLY B 300 25.43 27.43 9.78
CA GLY B 300 24.48 26.75 10.67
C GLY B 300 24.43 25.24 10.50
N GLY B 301 25.38 24.66 9.78
CA GLY B 301 25.40 23.21 9.61
C GLY B 301 26.14 22.74 8.38
N ILE B 302 25.66 21.65 7.81
CA ILE B 302 26.31 21.03 6.66
C ILE B 302 25.32 20.85 5.53
N VAL B 303 25.83 20.86 4.32
CA VAL B 303 25.06 20.52 3.13
C VAL B 303 25.58 19.16 2.66
N PRO B 304 24.80 18.10 2.90
CA PRO B 304 25.24 16.78 2.48
C PRO B 304 24.82 16.46 1.05
N THR B 305 25.62 15.64 0.40
CA THR B 305 25.30 15.12 -0.92
C THR B 305 25.31 13.61 -0.76
N ILE B 306 24.19 13.00 -1.11
CA ILE B 306 23.97 11.58 -0.87
C ILE B 306 23.73 10.86 -2.19
N ARG B 307 24.47 9.78 -2.41
CA ARG B 307 24.33 8.96 -3.60
C ARG B 307 23.61 7.67 -3.27
N GLY B 308 22.57 7.42 -4.06
CA GLY B 308 21.81 6.17 -3.95
C GLY B 308 21.16 5.76 -5.26
N SER B 309 20.56 4.57 -5.23
CA SER B 309 19.99 3.97 -6.43
C SER B 309 18.48 3.84 -6.33
N ALA B 310 17.79 4.24 -7.39
CA ALA B 310 16.37 4.04 -7.53
C ALA B 310 16.12 3.02 -8.64
N HIS B 311 15.16 2.13 -8.42
CA HIS B 311 14.74 1.19 -9.45
C HIS B 311 13.29 1.42 -9.83
N LEU B 312 12.96 1.04 -11.06
CA LEU B 312 11.62 1.27 -11.61
C LEU B 312 10.66 0.20 -11.09
N SER B 313 9.44 0.62 -10.76
CA SER B 313 8.41 -0.27 -10.25
C SER B 313 7.28 -0.50 -11.28
N ALA B 314 6.85 0.59 -11.93
CA ALA B 314 5.70 0.52 -12.83
C ALA B 314 5.60 1.77 -13.69
N GLU B 315 5.02 1.60 -14.88
CA GLU B 315 4.49 2.72 -15.65
C GLU B 315 2.99 2.53 -15.63
N ALA B 316 2.22 3.59 -15.43
CA ALA B 316 0.79 3.43 -15.28
C ALA B 316 -0.03 4.62 -15.72
N THR B 317 -1.29 4.32 -16.04
CA THR B 317 -2.32 5.31 -16.24
C THR B 317 -3.35 5.08 -15.15
N LEU B 318 -3.38 6.01 -14.20
CA LEU B 318 -4.40 6.02 -13.17
C LEU B 318 -5.73 6.40 -13.83
N LEU B 319 -6.79 5.72 -13.40
CA LEU B 319 -8.11 5.89 -13.96
C LEU B 319 -9.04 6.40 -12.90
N ILE B 320 -9.76 7.47 -13.24
CA ILE B 320 -10.61 8.15 -12.32
C ILE B 320 -12.02 8.22 -12.93
N GLU B 321 -12.85 7.24 -12.62
CA GLU B 321 -14.18 7.15 -13.17
C GLU B 321 -15.16 8.11 -12.50
N ASP B 322 -16.01 8.68 -13.32
CA ASP B 322 -16.98 9.71 -12.91
C ASP B 322 -17.87 9.16 -11.79
N ASP B 323 -18.29 7.90 -11.91
CA ASP B 323 -19.19 7.26 -10.95
C ASP B 323 -18.54 6.56 -9.74
N ASP B 324 -17.23 6.51 -9.68
CA ASP B 324 -16.55 5.81 -8.59
C ASP B 324 -16.59 6.76 -7.40
N PRO B 325 -17.13 6.30 -6.28
CA PRO B 325 -17.16 7.14 -5.08
C PRO B 325 -15.80 7.42 -4.47
N PHE B 326 -14.80 6.58 -4.75
CA PHE B 326 -13.47 6.85 -4.27
C PHE B 326 -12.57 7.31 -5.41
N ARG B 327 -13.16 8.01 -6.38
CA ARG B 327 -12.39 8.44 -7.54
C ARG B 327 -11.26 9.40 -7.17
N TRP B 328 -11.47 10.23 -6.15
CA TRP B 328 -10.41 11.13 -5.66
C TRP B 328 -9.70 10.58 -4.41
N GLY B 329 -9.82 9.28 -4.15
CA GLY B 329 -9.16 8.62 -3.03
C GLY B 329 -10.15 8.29 -1.92
N ILE B 330 -9.85 7.27 -1.13
CA ILE B 330 -10.62 6.96 0.08
C ILE B 330 -10.09 7.82 1.23
N VAL B 331 -10.92 8.75 1.71
CA VAL B 331 -10.51 9.68 2.77
C VAL B 331 -11.01 9.20 4.13
C1 GOL C . 1.31 0.40 -9.80
O1 GOL C . 1.97 -0.65 -9.08
C2 GOL C . -0.08 0.64 -9.23
O2 GOL C . 0.07 0.97 -7.85
C3 GOL C . -0.81 1.77 -9.93
O3 GOL C . -1.72 2.41 -9.01
O7 PYC D . -19.32 -12.95 0.53
O8 PYC D . -19.65 -10.88 1.16
C1 PYC D . -19.38 -11.72 0.28
C2 PYC D . -19.10 -11.26 -1.11
C3 PYC D . -19.17 -12.04 -2.25
C4 PYC D . -18.84 -11.22 -3.31
C5 PYC D . -18.59 -9.96 -2.81
N6 PYC D . -18.75 -10.01 -1.47
O7 PYC E . 19.35 11.57 4.33
O8 PYC E . 19.01 9.38 4.12
C1 PYC E . 19.13 10.54 3.63
C2 PYC E . 18.99 10.65 2.14
C3 PYC E . 18.84 9.58 1.27
C4 PYC E . 18.77 10.11 -0.02
C5 PYC E . 18.87 11.49 0.10
N6 PYC E . 19.01 11.80 1.42
#